data_4RHS
#
_entry.id   4RHS
#
_cell.length_a   68.257
_cell.length_b   96.751
_cell.length_c   104.002
_cell.angle_alpha   90.00
_cell.angle_beta   90.00
_cell.angle_gamma   90.00
#
_symmetry.space_group_name_H-M   'P 21 21 21'
#
loop_
_entity.id
_entity.type
_entity.pdbx_description
1 polymer 'Putative pertussis-like toxin subunit'
2 branched 'N-acetyl-alpha-neuraminic acid-(2-8)-N-acetyl-alpha-neuraminic acid-(2-3)-beta-D-galactopyranose'
3 non-polymer 'ACETATE ION'
4 water water
#
_entity_poly.entity_id   1
_entity_poly.type   'polypeptide(L)'
_entity_poly.pdbx_seq_one_letter_code
;EWTGDNTNAYYSDEVISELHVGQIDTSPYFCIKTVKANGSGTPVVACAVSKQSIWAPSFKELLDQARYFYSTGQSVRIHV
QKNIWTYPLFVNTFSANALVGLSSCSATQCFGPKLEHHHHHH
;
_entity_poly.pdbx_strand_id   A,B,C,D,E
#
# COMPACT_ATOMS: atom_id res chain seq x y z
N GLU A 1 -26.74 4.11 -8.89
CA GLU A 1 -25.94 5.32 -8.77
C GLU A 1 -24.66 5.18 -9.56
N TRP A 2 -24.14 6.28 -10.05
CA TRP A 2 -22.89 6.25 -10.80
C TRP A 2 -22.17 7.58 -10.69
N THR A 3 -20.86 7.51 -10.50
CA THR A 3 -19.97 8.67 -10.62
C THR A 3 -20.40 9.64 -11.73
N GLY A 4 -20.75 9.08 -12.87
CA GLY A 4 -21.04 9.86 -14.06
C GLY A 4 -22.46 10.39 -14.23
N ASP A 5 -23.32 10.15 -13.24
CA ASP A 5 -24.68 10.70 -13.24
C ASP A 5 -24.63 12.21 -13.47
N ASN A 6 -25.52 12.72 -14.32
CA ASN A 6 -25.50 14.16 -14.60
C ASN A 6 -26.02 15.01 -13.44
N THR A 7 -26.53 14.36 -12.41
CA THR A 7 -26.86 15.05 -11.16
C THR A 7 -25.61 15.22 -10.28
N ASN A 8 -24.48 14.67 -10.73
CA ASN A 8 -23.20 14.92 -10.08
C ASN A 8 -22.44 16.02 -10.80
N ALA A 9 -21.67 16.79 -10.05
CA ALA A 9 -20.90 17.86 -10.65
C ALA A 9 -19.45 17.42 -10.88
N TYR A 10 -18.81 17.97 -11.88
CA TYR A 10 -17.39 17.66 -12.06
C TYR A 10 -16.61 18.89 -12.49
N TYR A 11 -15.32 18.85 -12.24
CA TYR A 11 -14.45 19.98 -12.49
C TYR A 11 -13.17 19.44 -13.10
N SER A 12 -12.86 19.87 -14.32
CA SER A 12 -11.71 19.34 -15.05
C SER A 12 -10.45 20.19 -14.88
N ASP A 13 -9.32 19.56 -15.20
CA ASP A 13 -8.03 20.24 -15.25
C ASP A 13 -7.69 20.79 -13.88
N GLU A 14 -7.95 19.98 -12.85
CA GLU A 14 -7.70 20.35 -11.46
C GLU A 14 -6.46 19.64 -10.97
N VAL A 15 -5.89 20.14 -9.87
CA VAL A 15 -4.77 19.48 -9.20
C VAL A 15 -5.17 19.32 -7.73
N ILE A 16 -4.94 18.14 -7.14
CA ILE A 16 -5.25 17.99 -5.72
C ILE A 16 -4.19 18.73 -4.91
N SER A 17 -4.60 19.79 -4.24
CA SER A 17 -3.66 20.66 -3.58
C SER A 17 -3.57 20.42 -2.07
N GLU A 18 -4.62 19.87 -1.47
CA GLU A 18 -4.57 19.60 -0.02
C GLU A 18 -5.24 18.28 0.31
N LEU A 19 -4.82 17.67 1.42
CA LEU A 19 -5.35 16.38 1.85
C LEU A 19 -5.49 16.34 3.37
N HIS A 20 -6.60 15.78 3.84
CA HIS A 20 -6.90 15.72 5.27
C HIS A 20 -7.45 14.35 5.60
N VAL A 21 -7.01 13.76 6.69
CA VAL A 21 -7.60 12.50 7.18
C VAL A 21 -8.08 12.69 8.62
N GLY A 22 -9.25 12.17 8.95
CA GLY A 22 -9.72 12.25 10.33
C GLY A 22 -10.80 11.23 10.61
N GLN A 23 -11.58 11.45 11.67
CA GLN A 23 -12.67 10.55 12.01
C GLN A 23 -13.90 11.35 12.45
N ILE A 24 -15.08 10.85 12.07
CA ILE A 24 -16.33 11.43 12.55
C ILE A 24 -17.35 10.30 12.78
N ASP A 25 -17.99 10.33 13.94
CA ASP A 25 -19.03 9.35 14.28
C ASP A 25 -18.62 7.91 13.99
N THR A 26 -17.46 7.53 14.53
CA THR A 26 -16.87 6.18 14.44
C THR A 26 -16.39 5.83 13.04
N SER A 27 -16.39 6.78 12.14
CA SER A 27 -15.98 6.49 10.78
C SER A 27 -14.74 7.29 10.38
N PRO A 28 -13.69 6.61 9.91
CA PRO A 28 -12.64 7.39 9.27
C PRO A 28 -13.20 8.14 8.06
N TYR A 29 -12.63 9.29 7.76
CA TYR A 29 -13.00 10.05 6.57
C TYR A 29 -11.75 10.74 6.03
N PHE A 30 -11.83 11.20 4.78
CA PHE A 30 -10.79 12.10 4.31
C PHE A 30 -11.42 13.17 3.48
N CYS A 31 -10.72 14.29 3.33
CA CYS A 31 -11.15 15.34 2.41
C CYS A 31 -9.99 15.75 1.53
N ILE A 32 -10.30 16.24 0.34
CA ILE A 32 -9.30 16.86 -0.52
C ILE A 32 -9.77 18.23 -0.95
N LYS A 33 -8.80 19.07 -1.22
CA LYS A 33 -9.01 20.34 -1.89
C LYS A 33 -8.30 20.29 -3.23
N THR A 34 -9.04 20.66 -4.29
CA THR A 34 -8.48 20.77 -5.62
C THR A 34 -8.59 22.18 -6.16
N VAL A 35 -7.61 22.58 -6.97
CA VAL A 35 -7.62 23.88 -7.64
C VAL A 35 -7.37 23.65 -9.12
N LYS A 36 -7.80 24.59 -9.96
CA LYS A 36 -7.46 24.54 -11.37
C LYS A 36 -5.94 24.43 -11.48
N ALA A 37 -5.46 23.63 -12.43
CA ALA A 37 -4.02 23.53 -12.66
C ALA A 37 -3.40 24.90 -12.98
N ASN A 38 -4.16 25.81 -13.58
CA ASN A 38 -3.62 27.13 -13.90
C ASN A 38 -3.81 28.15 -12.79
N GLY A 39 -4.39 27.72 -11.69
CA GLY A 39 -4.59 28.59 -10.53
C GLY A 39 -5.83 29.47 -10.56
N SER A 40 -6.53 29.51 -11.69
CA SER A 40 -7.74 30.32 -11.80
C SER A 40 -8.91 29.73 -11.01
N GLY A 41 -9.94 30.52 -10.71
CA GLY A 41 -11.14 29.96 -10.12
C GLY A 41 -11.15 29.69 -8.62
N THR A 42 -12.16 28.94 -8.19
CA THR A 42 -12.40 28.65 -6.77
C THR A 42 -12.04 27.20 -6.47
N PRO A 43 -11.44 26.93 -5.30
CA PRO A 43 -11.16 25.52 -4.99
C PRO A 43 -12.43 24.67 -4.84
N VAL A 44 -12.29 23.39 -5.14
CA VAL A 44 -13.31 22.38 -4.89
C VAL A 44 -12.87 21.63 -3.65
N VAL A 45 -13.78 21.44 -2.70
CA VAL A 45 -13.48 20.66 -1.51
C VAL A 45 -14.45 19.52 -1.50
N ALA A 46 -13.95 18.30 -1.34
CA ALA A 46 -14.87 17.17 -1.23
C ALA A 46 -14.34 16.16 -0.24
N CYS A 47 -15.25 15.40 0.37
CA CYS A 47 -14.85 14.41 1.36
C CYS A 47 -15.49 13.05 1.12
N ALA A 48 -14.88 12.02 1.65
CA ALA A 48 -15.48 10.68 1.65
C ALA A 48 -15.45 10.17 3.08
N VAL A 49 -16.55 9.55 3.51
CA VAL A 49 -16.73 9.04 4.86
C VAL A 49 -16.99 7.54 4.83
N SER A 50 -16.18 6.76 5.55
CA SER A 50 -16.12 5.32 5.32
C SER A 50 -17.46 4.60 5.48
N LYS A 51 -18.29 5.06 6.39
CA LYS A 51 -19.50 4.31 6.67
C LYS A 51 -20.76 5.09 6.34
N GLN A 52 -20.60 6.22 5.64
CA GLN A 52 -21.75 7.09 5.36
C GLN A 52 -21.91 7.40 3.87
N SER A 53 -23.17 7.64 3.49
CA SER A 53 -23.62 7.94 2.11
C SER A 53 -23.57 6.72 1.21
N ILE A 54 -24.28 6.80 0.09
CA ILE A 54 -24.32 5.70 -0.87
C ILE A 54 -22.93 5.46 -1.45
N TRP A 55 -22.00 6.38 -1.21
CA TRP A 55 -20.64 6.28 -1.78
C TRP A 55 -19.66 5.58 -0.86
N ALA A 56 -20.11 5.19 0.33
CA ALA A 56 -19.22 4.49 1.27
C ALA A 56 -18.40 3.32 0.66
N PRO A 57 -19.01 2.49 -0.21
CA PRO A 57 -18.23 1.34 -0.71
C PRO A 57 -16.92 1.71 -1.41
N SER A 58 -16.82 2.92 -1.94
CA SER A 58 -15.63 3.32 -2.69
C SER A 58 -14.59 4.05 -1.85
N PHE A 59 -14.85 4.14 -0.53
CA PHE A 59 -13.97 4.89 0.37
C PHE A 59 -12.48 4.55 0.19
N LYS A 60 -12.13 3.28 0.39
CA LYS A 60 -10.73 2.88 0.30
C LYS A 60 -10.14 3.24 -1.08
N GLU A 61 -10.88 2.92 -2.15
CA GLU A 61 -10.31 3.10 -3.47
C GLU A 61 -10.11 4.58 -3.77
N LEU A 62 -11.02 5.42 -3.29
CA LEU A 62 -10.89 6.84 -3.62
C LEU A 62 -9.79 7.40 -2.75
N LEU A 63 -9.68 6.91 -1.52
CA LEU A 63 -8.61 7.41 -0.63
C LEU A 63 -7.26 7.18 -1.30
N ASP A 64 -7.05 5.92 -1.71
CA ASP A 64 -5.81 5.55 -2.36
C ASP A 64 -5.61 6.40 -3.62
N GLN A 65 -6.69 6.61 -4.40
CA GLN A 65 -6.49 7.30 -5.67
C GLN A 65 -6.17 8.77 -5.39
N ALA A 66 -6.81 9.33 -4.35
CA ALA A 66 -6.59 10.73 -4.02
C ALA A 66 -5.14 10.88 -3.64
N ARG A 67 -4.65 9.93 -2.85
CA ARG A 67 -3.28 10.02 -2.39
C ARG A 67 -2.36 9.98 -3.59
N TYR A 68 -2.68 9.08 -4.53
CA TYR A 68 -1.80 8.91 -5.67
C TYR A 68 -1.74 10.22 -6.46
N PHE A 69 -2.90 10.78 -6.76
CA PHE A 69 -2.92 11.95 -7.63
C PHE A 69 -2.31 13.13 -6.87
N TYR A 70 -2.49 13.11 -5.55
CA TYR A 70 -2.00 14.18 -4.72
C TYR A 70 -0.48 14.10 -4.77
N SER A 71 0.04 12.87 -4.74
CA SER A 71 1.48 12.72 -4.74
C SER A 71 2.09 13.15 -6.08
N THR A 72 1.34 13.04 -7.19
CA THR A 72 1.97 13.37 -8.49
C THR A 72 1.70 14.81 -8.90
N GLY A 73 0.62 15.39 -8.39
CA GLY A 73 0.25 16.75 -8.72
C GLY A 73 -0.26 16.89 -10.14
N GLN A 74 -0.64 15.76 -10.74
CA GLN A 74 -1.07 15.78 -12.13
C GLN A 74 -2.50 16.28 -12.24
N SER A 75 -2.87 16.75 -13.43
CA SER A 75 -4.20 17.25 -13.71
C SER A 75 -5.23 16.14 -13.69
N VAL A 76 -6.36 16.44 -13.05
CA VAL A 76 -7.43 15.48 -12.92
C VAL A 76 -8.80 16.15 -13.09
N ARG A 77 -9.82 15.34 -13.35
CA ARG A 77 -11.20 15.77 -13.21
C ARG A 77 -11.72 15.21 -11.89
N ILE A 78 -12.31 16.07 -11.07
CA ILE A 78 -12.87 15.61 -9.81
C ILE A 78 -14.39 15.58 -9.94
N HIS A 79 -14.98 14.47 -9.50
CA HIS A 79 -16.43 14.30 -9.55
C HIS A 79 -16.96 14.27 -8.13
N VAL A 80 -18.02 15.05 -7.89
CA VAL A 80 -18.64 15.16 -6.58
C VAL A 80 -20.15 15.06 -6.68
N GLN A 81 -20.78 14.65 -5.59
CA GLN A 81 -22.21 14.84 -5.42
C GLN A 81 -22.40 15.90 -4.35
N LYS A 82 -23.16 16.95 -4.68
CA LYS A 82 -23.35 18.06 -3.75
C LYS A 82 -24.36 17.75 -2.65
N ASN A 83 -24.31 18.56 -1.60
CA ASN A 83 -25.28 18.52 -0.51
C ASN A 83 -25.48 17.15 0.14
N ILE A 84 -24.37 16.48 0.45
CA ILE A 84 -24.43 15.16 1.05
C ILE A 84 -24.13 15.20 2.56
N TRP A 85 -23.02 15.85 2.96
CA TRP A 85 -22.67 15.87 4.39
C TRP A 85 -23.54 16.89 5.14
N THR A 86 -23.91 16.58 6.37
CA THR A 86 -24.89 17.40 7.07
C THR A 86 -24.47 17.90 8.46
N TYR A 87 -23.36 17.41 9.00
CA TYR A 87 -22.88 17.95 10.28
C TYR A 87 -22.37 19.37 10.04
N PRO A 88 -23.00 20.37 10.68
CA PRO A 88 -22.79 21.79 10.33
C PRO A 88 -21.33 22.26 10.40
N LEU A 89 -20.63 21.97 11.49
CA LEU A 89 -19.24 22.38 11.64
C LEU A 89 -18.33 21.69 10.62
N PHE A 90 -18.70 20.46 10.26
CA PHE A 90 -17.96 19.68 9.27
C PHE A 90 -18.11 20.34 7.90
N VAL A 91 -19.34 20.73 7.57
CA VAL A 91 -19.61 21.41 6.29
C VAL A 91 -18.91 22.79 6.25
N ASN A 92 -18.98 23.51 7.36
CA ASN A 92 -18.29 24.79 7.49
C ASN A 92 -16.79 24.66 7.24
N THR A 93 -16.21 23.63 7.84
CA THR A 93 -14.77 23.40 7.70
C THR A 93 -14.39 22.93 6.31
N PHE A 94 -15.19 22.02 5.77
CA PHE A 94 -14.89 21.43 4.48
C PHE A 94 -15.96 21.82 3.48
N SER A 95 -16.90 20.90 3.24
CA SER A 95 -18.06 21.21 2.42
C SER A 95 -19.05 20.09 2.59
N ALA A 96 -20.20 20.21 1.94
CA ALA A 96 -21.16 19.11 1.90
C ALA A 96 -20.89 18.17 0.72
N ASN A 97 -19.91 18.50 -0.12
CA ASN A 97 -19.57 17.67 -1.28
C ASN A 97 -19.03 16.29 -0.94
N ALA A 98 -19.70 15.24 -1.43
CA ALA A 98 -19.14 13.90 -1.40
C ALA A 98 -18.25 13.68 -2.61
N LEU A 99 -17.04 13.18 -2.39
CA LEU A 99 -16.16 12.78 -3.49
C LEU A 99 -16.64 11.49 -4.13
N VAL A 100 -16.95 11.50 -5.42
CA VAL A 100 -17.48 10.28 -6.02
C VAL A 100 -16.64 9.80 -7.19
N GLY A 101 -15.62 10.56 -7.58
CA GLY A 101 -14.76 10.07 -8.66
C GLY A 101 -13.52 10.90 -8.97
N LEU A 102 -12.48 10.27 -9.52
CA LEU A 102 -11.28 10.98 -9.96
C LEU A 102 -10.80 10.44 -11.31
N SER A 103 -10.59 11.33 -12.29
CA SER A 103 -10.14 10.93 -13.63
C SER A 103 -8.84 11.64 -14.00
N SER A 104 -7.88 10.91 -14.57
CA SER A 104 -6.69 11.57 -15.07
C SER A 104 -7.03 12.44 -16.29
N CYS A 105 -6.26 13.51 -16.49
CA CYS A 105 -6.51 14.46 -17.54
C CYS A 105 -5.29 14.62 -18.43
N SER A 106 -5.52 14.70 -19.74
CA SER A 106 -4.47 15.10 -20.66
C SER A 106 -4.67 16.57 -21.01
N ALA A 107 -3.85 17.08 -21.93
CA ALA A 107 -3.95 18.47 -22.35
C ALA A 107 -5.30 18.76 -22.97
N THR A 108 -5.85 17.78 -23.66
CA THR A 108 -7.06 17.99 -24.44
C THR A 108 -8.34 17.53 -23.73
N GLN A 109 -8.29 16.39 -23.06
CA GLN A 109 -9.50 15.84 -22.43
C GLN A 109 -9.19 15.14 -21.10
N CYS A 110 -10.24 14.75 -20.40
CA CYS A 110 -10.09 13.97 -19.18
C CYS A 110 -10.71 12.60 -19.41
N PHE A 111 -10.15 11.60 -18.75
CA PHE A 111 -10.57 10.22 -18.96
C PHE A 111 -11.66 9.86 -17.99
N GLY A 112 -12.88 10.29 -18.29
CA GLY A 112 -13.98 10.07 -17.39
C GLY A 112 -15.26 10.70 -17.93
N PRO A 113 -16.38 10.46 -17.23
CA PRO A 113 -17.68 10.95 -17.70
C PRO A 113 -17.72 12.48 -17.72
N LYS A 114 -18.53 13.00 -18.65
CA LYS A 114 -18.58 14.42 -18.95
C LYS A 114 -19.99 14.83 -19.37
N GLU B 1 -18.46 11.97 17.90
CA GLU B 1 -17.13 12.55 18.03
C GLU B 1 -16.62 12.98 16.67
N TRP B 2 -15.66 13.88 16.65
CA TRP B 2 -15.08 14.37 15.41
C TRP B 2 -13.69 14.94 15.69
N THR B 3 -12.79 14.69 14.76
CA THR B 3 -11.47 15.29 14.75
C THR B 3 -11.51 16.77 15.10
N GLY B 4 -12.47 17.49 14.54
CA GLY B 4 -12.55 18.92 14.78
C GLY B 4 -13.32 19.39 15.99
N ASP B 5 -13.76 18.47 16.85
CA ASP B 5 -14.40 18.86 18.13
C ASP B 5 -13.52 19.86 18.88
N ASN B 6 -14.12 20.91 19.45
CA ASN B 6 -13.29 21.92 20.09
C ASN B 6 -12.62 21.43 21.39
N THR B 7 -12.88 20.18 21.77
CA THR B 7 -12.24 19.60 22.95
C THR B 7 -10.92 18.92 22.59
N ASN B 8 -10.63 18.88 21.30
CA ASN B 8 -9.36 18.35 20.82
C ASN B 8 -8.37 19.49 20.63
N ALA B 9 -7.09 19.18 20.76
CA ALA B 9 -6.06 20.17 20.58
C ALA B 9 -5.51 20.02 19.17
N TYR B 10 -4.96 21.09 18.62
CA TYR B 10 -4.26 20.96 17.35
C TYR B 10 -3.05 21.89 17.27
N TYR B 11 -2.12 21.55 16.38
CA TYR B 11 -0.88 22.30 16.23
C TYR B 11 -0.56 22.43 14.75
N SER B 12 -0.45 23.68 14.28
CA SER B 12 -0.32 23.94 12.84
C SER B 12 1.16 24.08 12.46
N ASP B 13 1.44 23.88 11.18
CA ASP B 13 2.77 24.07 10.61
C ASP B 13 3.83 23.23 11.32
N GLU B 14 3.48 21.98 11.57
CA GLU B 14 4.40 21.00 12.18
C GLU B 14 4.99 20.08 11.12
N VAL B 15 6.19 19.56 11.38
CA VAL B 15 6.77 18.53 10.52
C VAL B 15 6.85 17.25 11.32
N ILE B 16 6.44 16.12 10.73
CA ILE B 16 6.61 14.85 11.43
C ILE B 16 8.08 14.49 11.41
N SER B 17 8.72 14.48 12.56
CA SER B 17 10.16 14.32 12.61
C SER B 17 10.58 12.95 13.10
N GLU B 18 9.68 12.23 13.78
CA GLU B 18 9.99 10.85 14.20
C GLU B 18 8.80 9.93 14.08
N LEU B 19 9.10 8.64 13.92
CA LEU B 19 8.08 7.61 13.76
C LEU B 19 8.46 6.32 14.48
N HIS B 20 7.51 5.79 15.25
CA HIS B 20 7.72 4.53 15.98
C HIS B 20 6.53 3.60 15.77
N VAL B 21 6.79 2.32 15.59
CA VAL B 21 5.72 1.32 15.50
C VAL B 21 5.99 0.20 16.48
N GLY B 22 4.97 -0.24 17.21
CA GLY B 22 5.18 -1.34 18.14
C GLY B 22 3.87 -2.02 18.47
N GLN B 23 3.82 -2.70 19.61
CA GLN B 23 2.60 -3.35 20.08
C GLN B 23 2.42 -3.15 21.58
N ILE B 24 1.20 -2.89 22.00
CA ILE B 24 0.88 -2.86 23.42
C ILE B 24 -0.49 -3.49 23.67
N ASP B 25 -0.53 -4.40 24.63
CA ASP B 25 -1.76 -5.02 25.09
C ASP B 25 -2.61 -5.56 23.93
N THR B 26 -1.98 -6.38 23.11
CA THR B 26 -2.54 -7.08 21.92
C THR B 26 -2.76 -6.16 20.71
N SER B 27 -2.43 -4.89 20.84
CA SER B 27 -2.69 -3.91 19.76
C SER B 27 -1.44 -3.37 19.10
N PRO B 28 -1.33 -3.50 17.76
CA PRO B 28 -0.28 -2.70 17.11
C PRO B 28 -0.57 -1.22 17.32
N TYR B 29 0.47 -0.41 17.43
CA TYR B 29 0.28 1.03 17.58
C TYR B 29 1.39 1.76 16.87
N PHE B 30 1.18 3.04 16.65
CA PHE B 30 2.29 3.86 16.18
C PHE B 30 2.26 5.17 16.92
N CYS B 31 3.44 5.78 17.05
CA CYS B 31 3.58 7.11 17.60
C CYS B 31 4.38 7.97 16.65
N ILE B 32 4.08 9.26 16.67
CA ILE B 32 4.85 10.25 15.94
C ILE B 32 5.29 11.39 16.85
N LYS B 33 6.39 11.99 16.44
CA LYS B 33 6.83 13.23 17.04
C LYS B 33 6.88 14.28 15.96
N THR B 34 6.32 15.45 16.27
CA THR B 34 6.32 16.59 15.35
C THR B 34 6.98 17.82 15.98
N VAL B 35 7.61 18.64 15.15
CA VAL B 35 8.18 19.93 15.59
C VAL B 35 7.72 21.02 14.64
N LYS B 36 7.64 22.26 15.12
CA LYS B 36 7.28 23.38 14.25
C LYS B 36 8.28 23.45 13.11
N ALA B 37 7.78 23.61 11.90
CA ALA B 37 8.65 23.70 10.74
C ALA B 37 9.61 24.89 10.83
N ASN B 38 9.24 25.94 11.56
CA ASN B 38 10.08 27.14 11.64
C ASN B 38 11.00 27.18 12.85
N GLY B 39 10.99 26.11 13.66
CA GLY B 39 11.92 26.01 14.77
C GLY B 39 11.38 26.37 16.15
N SER B 40 10.18 26.96 16.18
CA SER B 40 9.63 27.48 17.44
C SER B 40 8.93 26.40 18.26
N GLY B 41 8.60 26.73 19.51
CA GLY B 41 7.76 25.87 20.32
C GLY B 41 8.36 24.55 20.81
N THR B 42 7.47 23.69 21.30
CA THR B 42 7.83 22.43 21.93
C THR B 42 7.33 21.25 21.08
N PRO B 43 8.15 20.19 20.93
CA PRO B 43 7.69 19.00 20.19
C PRO B 43 6.35 18.46 20.68
N VAL B 44 5.58 17.90 19.75
CA VAL B 44 4.30 17.29 20.08
C VAL B 44 4.45 15.80 19.84
N VAL B 45 3.93 14.98 20.75
CA VAL B 45 3.96 13.53 20.55
C VAL B 45 2.53 13.03 20.59
N ALA B 46 2.17 12.19 19.63
CA ALA B 46 0.85 11.57 19.66
C ALA B 46 0.92 10.16 19.14
N CYS B 47 0.01 9.31 19.60
CA CYS B 47 -0.02 7.89 19.22
C CYS B 47 -1.42 7.44 18.82
N ALA B 48 -1.48 6.45 17.96
CA ALA B 48 -2.75 5.81 17.66
C ALA B 48 -2.57 4.33 17.96
N VAL B 49 -3.58 3.74 18.57
CA VAL B 49 -3.49 2.35 19.00
C VAL B 49 -4.65 1.55 18.48
N SER B 50 -4.33 0.49 17.75
CA SER B 50 -5.33 -0.33 17.08
C SER B 50 -6.31 -0.90 18.09
N LYS B 51 -7.60 -0.87 17.76
CA LYS B 51 -8.65 -1.44 18.62
C LYS B 51 -8.74 -0.76 20.01
N GLN B 52 -8.17 0.43 20.17
CA GLN B 52 -8.20 1.11 21.46
C GLN B 52 -8.57 2.56 21.36
N SER B 53 -9.42 3.03 22.28
CA SER B 53 -10.04 4.36 22.31
C SER B 53 -11.11 4.50 21.24
N ILE B 54 -11.89 5.56 21.35
CA ILE B 54 -12.94 5.82 20.41
C ILE B 54 -12.37 6.06 19.01
N TRP B 55 -11.09 6.37 18.92
CA TRP B 55 -10.45 6.65 17.64
C TRP B 55 -9.91 5.40 16.93
N ALA B 56 -10.13 4.23 17.50
CA ALA B 56 -9.68 2.97 16.89
C ALA B 56 -10.04 2.80 15.41
N PRO B 57 -11.25 3.20 14.99
CA PRO B 57 -11.60 2.90 13.59
C PRO B 57 -10.71 3.56 12.55
N SER B 58 -10.00 4.63 12.92
CA SER B 58 -9.18 5.35 11.95
C SER B 58 -7.71 4.99 12.00
N PHE B 59 -7.38 3.98 12.79
CA PHE B 59 -5.98 3.61 13.02
C PHE B 59 -5.21 3.43 11.70
N LYS B 60 -5.75 2.58 10.84
CA LYS B 60 -5.10 2.26 9.56
C LYS B 60 -4.92 3.52 8.71
N GLU B 61 -6.00 4.30 8.59
CA GLU B 61 -5.94 5.44 7.70
C GLU B 61 -4.95 6.44 8.27
N LEU B 62 -4.89 6.55 9.60
CA LEU B 62 -3.98 7.54 10.20
C LEU B 62 -2.54 7.04 10.08
N LEU B 63 -2.34 5.72 10.19
CA LEU B 63 -0.97 5.20 10.06
C LEU B 63 -0.42 5.51 8.68
N ASP B 64 -1.18 5.13 7.67
CA ASP B 64 -0.80 5.39 6.30
C ASP B 64 -0.53 6.87 6.10
N GLN B 65 -1.38 7.73 6.67
CA GLN B 65 -1.23 9.14 6.36
C GLN B 65 0.02 9.67 7.04
N ALA B 66 0.27 9.15 8.24
CA ALA B 66 1.43 9.62 9.00
C ALA B 66 2.66 9.24 8.20
N ARG B 67 2.66 8.00 7.67
CA ARG B 67 3.83 7.54 6.93
C ARG B 67 4.05 8.43 5.74
N TYR B 68 2.95 8.86 5.11
CA TYR B 68 3.12 9.68 3.93
C TYR B 68 3.70 11.03 4.31
N PHE B 69 3.11 11.68 5.31
CA PHE B 69 3.51 13.06 5.60
C PHE B 69 4.92 13.06 6.17
N TYR B 70 5.26 11.95 6.82
CA TYR B 70 6.60 11.75 7.34
C TYR B 70 7.60 11.66 6.20
N SER B 71 7.24 10.92 5.16
CA SER B 71 8.17 10.68 4.06
C SER B 71 8.43 11.95 3.25
N THR B 72 7.44 12.83 3.14
CA THR B 72 7.60 14.06 2.37
C THR B 72 8.20 15.17 3.21
N GLY B 73 8.03 15.09 4.53
CA GLY B 73 8.53 16.12 5.42
C GLY B 73 7.75 17.42 5.33
N GLN B 74 6.56 17.37 4.73
CA GLN B 74 5.79 18.59 4.54
C GLN B 74 5.13 19.10 5.81
N SER B 75 4.73 20.36 5.77
CA SER B 75 4.13 21.03 6.92
C SER B 75 2.69 20.57 7.11
N VAL B 76 2.33 20.17 8.34
CA VAL B 76 0.99 19.67 8.61
C VAL B 76 0.41 20.24 9.91
N ARG B 77 -0.90 20.11 10.05
CA ARG B 77 -1.57 20.37 11.30
C ARG B 77 -1.88 19.02 11.93
N ILE B 78 -1.47 18.86 13.18
CA ILE B 78 -1.73 17.62 13.87
C ILE B 78 -2.84 17.83 14.90
N HIS B 79 -3.79 16.90 14.86
CA HIS B 79 -4.96 16.95 15.74
C HIS B 79 -4.88 15.81 16.73
N VAL B 80 -4.99 16.16 18.01
CA VAL B 80 -4.95 15.18 19.09
C VAL B 80 -6.09 15.32 20.07
N GLN B 81 -6.40 14.22 20.75
CA GLN B 81 -7.19 14.32 21.99
C GLN B 81 -6.31 13.99 23.18
N LYS B 82 -6.23 14.91 24.14
CA LYS B 82 -5.29 14.73 25.25
C LYS B 82 -5.80 13.71 26.27
N ASN B 83 -4.86 13.16 27.04
CA ASN B 83 -5.20 12.33 28.21
C ASN B 83 -6.01 11.09 27.89
N ILE B 84 -5.64 10.43 26.80
CA ILE B 84 -6.35 9.22 26.38
C ILE B 84 -5.59 7.96 26.76
N TRP B 85 -4.30 7.88 26.45
CA TRP B 85 -3.51 6.70 26.84
C TRP B 85 -3.18 6.78 28.33
N THR B 86 -3.38 5.69 29.04
CA THR B 86 -3.17 5.75 30.48
C THR B 86 -2.01 4.90 30.96
N TYR B 87 -1.54 3.95 30.16
CA TYR B 87 -0.43 3.10 30.59
C TYR B 87 0.80 3.96 30.87
N PRO B 88 1.19 4.05 32.16
CA PRO B 88 2.16 5.04 32.65
C PRO B 88 3.55 5.00 32.00
N LEU B 89 4.14 3.82 31.80
CA LEU B 89 5.44 3.73 31.13
C LEU B 89 5.32 4.19 29.68
N PHE B 90 4.22 3.79 29.05
CA PHE B 90 3.96 4.15 27.66
C PHE B 90 3.86 5.67 27.54
N VAL B 91 3.09 6.25 28.46
CA VAL B 91 2.88 7.70 28.48
C VAL B 91 4.19 8.45 28.72
N ASN B 92 4.99 7.93 29.64
CA ASN B 92 6.27 8.55 29.94
C ASN B 92 7.19 8.50 28.73
N THR B 93 7.15 7.39 28.00
CA THR B 93 8.00 7.27 26.81
C THR B 93 7.48 8.16 25.70
N PHE B 94 6.16 8.21 25.56
CA PHE B 94 5.55 8.91 24.43
C PHE B 94 4.66 10.05 24.92
N SER B 95 3.37 9.81 25.00
CA SER B 95 2.45 10.75 25.64
C SER B 95 1.08 10.13 25.81
N ALA B 96 0.16 10.90 26.39
CA ALA B 96 -1.22 10.45 26.53
C ALA B 96 -2.08 10.89 25.37
N ASN B 97 -1.50 11.63 24.43
CA ASN B 97 -2.25 12.18 23.30
C ASN B 97 -2.66 11.10 22.29
N ALA B 98 -3.96 11.00 22.01
CA ALA B 98 -4.40 10.19 20.87
C ALA B 98 -4.33 11.02 19.63
N LEU B 99 -3.81 10.44 18.57
CA LEU B 99 -3.76 11.13 17.29
C LEU B 99 -5.12 11.02 16.63
N VAL B 100 -5.77 12.14 16.31
CA VAL B 100 -7.13 12.04 15.76
C VAL B 100 -7.25 12.69 14.38
N GLY B 101 -6.20 13.36 13.91
CA GLY B 101 -6.26 13.82 12.53
C GLY B 101 -4.96 14.41 12.04
N LEU B 102 -4.81 14.47 10.72
CA LEU B 102 -3.66 15.06 10.06
C LEU B 102 -4.12 15.90 8.86
N SER B 103 -3.65 17.14 8.77
CA SER B 103 -4.04 18.05 7.68
C SER B 103 -2.82 18.62 6.99
N SER B 104 -2.79 18.64 5.66
CA SER B 104 -1.73 19.34 4.98
C SER B 104 -1.89 20.85 5.18
N CYS B 105 -0.79 21.59 5.11
CA CYS B 105 -0.79 23.04 5.26
C CYS B 105 -0.27 23.77 4.03
N SER B 106 -0.81 24.96 3.80
CA SER B 106 -0.29 25.87 2.80
C SER B 106 0.50 26.98 3.49
N ALA B 107 0.88 28.00 2.74
CA ALA B 107 1.59 29.14 3.31
C ALA B 107 0.74 29.92 4.33
N THR B 108 -0.57 29.89 4.17
CA THR B 108 -1.46 30.72 4.97
C THR B 108 -2.46 29.94 5.84
N GLN B 109 -2.67 28.67 5.53
CA GLN B 109 -3.68 27.86 6.21
C GLN B 109 -3.30 26.40 6.30
N CYS B 110 -4.04 25.66 7.11
CA CYS B 110 -3.97 24.20 7.03
C CYS B 110 -5.36 23.70 6.70
N PHE B 111 -5.42 22.61 5.96
CA PHE B 111 -6.68 22.11 5.40
C PHE B 111 -7.37 21.19 6.40
N GLY B 112 -7.94 21.75 7.45
CA GLY B 112 -8.60 20.95 8.45
C GLY B 112 -9.25 21.85 9.47
N PRO B 113 -9.95 21.24 10.44
CA PRO B 113 -10.68 22.05 11.41
C PRO B 113 -9.77 22.85 12.33
N LYS B 114 -10.33 23.93 12.86
CA LYS B 114 -9.68 24.79 13.85
C LYS B 114 -10.75 25.48 14.69
N LEU B 115 -10.34 26.25 15.69
CA LEU B 115 -11.28 27.01 16.51
C LEU B 115 -11.65 28.31 15.82
N GLU C 1 -12.51 -20.38 -15.63
CA GLU C 1 -12.11 -19.22 -16.43
C GLU C 1 -10.65 -18.87 -16.15
N TRP C 2 -9.98 -18.30 -17.15
CA TRP C 2 -8.58 -17.91 -17.03
C TRP C 2 -8.30 -16.65 -17.84
N THR C 3 -7.42 -15.79 -17.32
CA THR C 3 -6.92 -14.64 -18.07
C THR C 3 -6.51 -15.04 -19.48
N GLY C 4 -5.91 -16.22 -19.60
CA GLY C 4 -5.38 -16.70 -20.87
C GLY C 4 -6.31 -17.48 -21.79
N ASP C 5 -7.60 -17.55 -21.45
CA ASP C 5 -8.57 -18.18 -22.34
C ASP C 5 -8.52 -17.55 -23.74
N ASN C 6 -8.62 -18.37 -24.78
CA ASN C 6 -8.54 -17.82 -26.12
C ASN C 6 -9.81 -17.07 -26.51
N THR C 7 -10.84 -17.17 -25.66
CA THR C 7 -12.05 -16.39 -25.82
C THR C 7 -11.88 -14.95 -25.28
N ASN C 8 -10.75 -14.70 -24.62
CA ASN C 8 -10.39 -13.34 -24.25
C ASN C 8 -9.54 -12.71 -25.34
N ALA C 9 -9.28 -11.42 -25.21
CA ALA C 9 -8.50 -10.67 -26.19
C ALA C 9 -7.36 -9.96 -25.49
N TYR C 10 -6.24 -9.80 -26.17
CA TYR C 10 -5.16 -9.04 -25.55
C TYR C 10 -4.48 -8.15 -26.56
N TYR C 11 -3.77 -7.15 -26.05
CA TYR C 11 -3.09 -6.16 -26.88
C TYR C 11 -1.71 -5.92 -26.29
N SER C 12 -0.68 -6.02 -27.12
CA SER C 12 0.70 -5.95 -26.64
C SER C 12 1.36 -4.60 -26.92
N ASP C 13 2.46 -4.34 -26.22
CA ASP C 13 3.25 -3.15 -26.45
C ASP C 13 2.40 -1.90 -26.27
N GLU C 14 1.53 -1.96 -25.26
CA GLU C 14 0.71 -0.82 -24.84
C GLU C 14 1.33 -0.11 -23.64
N VAL C 15 0.92 1.14 -23.45
CA VAL C 15 1.29 1.92 -22.27
C VAL C 15 -0.01 2.43 -21.65
N ILE C 16 -0.15 2.31 -20.33
CA ILE C 16 -1.37 2.80 -19.68
C ILE C 16 -1.27 4.31 -19.65
N SER C 17 -2.19 4.97 -20.34
CA SER C 17 -2.06 6.41 -20.55
C SER C 17 -3.06 7.15 -19.69
N GLU C 18 -4.12 6.47 -19.27
CA GLU C 18 -5.09 7.14 -18.39
C GLU C 18 -5.65 6.17 -17.34
N LEU C 19 -6.10 6.76 -16.23
CA LEU C 19 -6.61 6.00 -15.12
C LEU C 19 -7.80 6.76 -14.48
N HIS C 20 -8.90 6.06 -14.24
CA HIS C 20 -10.08 6.63 -13.60
C HIS C 20 -10.56 5.72 -12.48
N VAL C 21 -11.00 6.30 -11.37
CA VAL C 21 -11.60 5.52 -10.28
C VAL C 21 -12.97 6.11 -9.97
N GLY C 22 -13.98 5.27 -9.85
CA GLY C 22 -15.31 5.75 -9.51
C GLY C 22 -16.13 4.70 -8.81
N GLN C 23 -17.45 4.91 -8.77
CA GLN C 23 -18.37 3.91 -8.23
C GLN C 23 -19.59 3.75 -9.12
N ILE C 24 -20.04 2.52 -9.33
CA ILE C 24 -21.28 2.27 -10.04
C ILE C 24 -22.03 1.14 -9.38
N ASP C 25 -23.31 1.38 -9.11
CA ASP C 25 -24.24 0.37 -8.61
C ASP C 25 -23.66 -0.41 -7.43
N THR C 26 -23.20 0.36 -6.44
CA THR C 26 -22.69 -0.07 -5.13
C THR C 26 -21.23 -0.50 -5.16
N SER C 27 -20.62 -0.51 -6.35
CA SER C 27 -19.26 -1.04 -6.51
C SER C 27 -18.21 0.01 -6.89
N PRO C 28 -17.12 0.10 -6.13
CA PRO C 28 -16.01 0.87 -6.69
C PRO C 28 -15.55 0.19 -7.99
N TYR C 29 -15.03 0.97 -8.92
CA TYR C 29 -14.49 0.42 -10.15
C TYR C 29 -13.34 1.29 -10.60
N PHE C 30 -12.51 0.77 -11.49
CA PHE C 30 -11.53 1.61 -12.17
C PHE C 30 -11.53 1.30 -13.66
N CYS C 31 -11.12 2.28 -14.45
CA CYS C 31 -10.88 2.06 -15.86
C CYS C 31 -9.49 2.55 -16.24
N ILE C 32 -8.92 1.93 -17.27
CA ILE C 32 -7.67 2.40 -17.82
C ILE C 32 -7.80 2.56 -19.33
N LYS C 33 -7.04 3.52 -19.85
CA LYS C 33 -6.85 3.65 -21.29
C LYS C 33 -5.40 3.40 -21.61
N THR C 34 -5.19 2.56 -22.62
CA THR C 34 -3.84 2.22 -23.08
C THR C 34 -3.72 2.55 -24.54
N VAL C 35 -2.50 2.86 -24.95
CA VAL C 35 -2.21 3.19 -26.33
C VAL C 35 -0.88 2.57 -26.67
N LYS C 36 -0.66 2.31 -27.95
CA LYS C 36 0.61 1.73 -28.37
C LYS C 36 1.76 2.61 -27.92
N ALA C 37 2.81 1.96 -27.44
CA ALA C 37 4.03 2.65 -27.04
C ALA C 37 4.58 3.51 -28.18
N ASN C 38 4.51 3.01 -29.41
CA ASN C 38 5.06 3.74 -30.56
C ASN C 38 4.06 4.69 -31.23
N GLY C 39 2.89 4.84 -30.64
CA GLY C 39 1.95 5.87 -31.05
C GLY C 39 0.92 5.50 -32.11
N SER C 40 1.05 4.33 -32.72
CA SER C 40 0.09 3.89 -33.71
C SER C 40 -1.23 3.43 -33.08
N GLY C 41 -2.07 2.77 -33.88
CA GLY C 41 -3.26 2.10 -33.39
C GLY C 41 -4.32 2.96 -32.74
N THR C 42 -5.34 2.28 -32.22
CA THR C 42 -6.48 2.90 -31.57
C THR C 42 -6.43 2.55 -30.08
N PRO C 43 -6.78 3.51 -29.20
CA PRO C 43 -6.71 3.20 -27.77
C PRO C 43 -7.53 1.98 -27.37
N VAL C 44 -7.10 1.34 -26.30
CA VAL C 44 -7.81 0.24 -25.68
C VAL C 44 -8.30 0.72 -24.33
N VAL C 45 -9.59 0.56 -24.06
CA VAL C 45 -10.12 0.93 -22.76
C VAL C 45 -10.65 -0.33 -22.09
N ALA C 46 -10.38 -0.47 -20.80
CA ALA C 46 -10.93 -1.59 -20.04
C ALA C 46 -11.20 -1.18 -18.61
N CYS C 47 -12.15 -1.86 -17.98
CA CYS C 47 -12.55 -1.55 -16.62
C CYS C 47 -12.62 -2.80 -15.78
N ALA C 48 -12.40 -2.64 -14.49
CA ALA C 48 -12.69 -3.68 -13.51
C ALA C 48 -13.65 -3.11 -12.47
N VAL C 49 -14.64 -3.91 -12.10
CA VAL C 49 -15.69 -3.48 -11.18
C VAL C 49 -15.80 -4.41 -9.99
N SER C 50 -15.62 -3.84 -8.79
CA SER C 50 -15.64 -4.63 -7.56
C SER C 50 -16.94 -5.43 -7.40
N LYS C 51 -16.80 -6.72 -7.08
CA LYS C 51 -17.96 -7.59 -6.84
C LYS C 51 -18.92 -7.73 -8.02
N GLN C 52 -18.44 -7.42 -9.23
CA GLN C 52 -19.24 -7.59 -10.44
C GLN C 52 -18.46 -8.34 -11.51
N SER C 53 -19.14 -9.29 -12.17
CA SER C 53 -18.57 -10.19 -13.19
C SER C 53 -17.77 -11.31 -12.55
N ILE C 54 -17.46 -12.34 -13.32
CA ILE C 54 -16.67 -13.45 -12.79
C ILE C 54 -15.24 -13.02 -12.42
N TRP C 55 -14.81 -11.86 -12.89
CA TRP C 55 -13.45 -11.38 -12.64
C TRP C 55 -13.34 -10.58 -11.35
N ALA C 56 -14.45 -10.47 -10.63
CA ALA C 56 -14.47 -9.73 -9.36
C ALA C 56 -13.39 -10.14 -8.34
N PRO C 57 -13.07 -11.45 -8.23
CA PRO C 57 -12.05 -11.77 -7.22
C PRO C 57 -10.69 -11.06 -7.39
N SER C 58 -10.35 -10.66 -8.61
CA SER C 58 -9.04 -10.07 -8.87
C SER C 58 -9.01 -8.54 -8.87
N PHE C 59 -10.15 -7.93 -8.53
CA PHE C 59 -10.27 -6.47 -8.58
C PHE C 59 -9.09 -5.75 -7.89
N LYS C 60 -8.84 -6.08 -6.63
CA LYS C 60 -7.82 -5.35 -5.89
C LYS C 60 -6.45 -5.50 -6.57
N GLU C 61 -6.13 -6.73 -6.94
CA GLU C 61 -4.79 -6.99 -7.45
C GLU C 61 -4.64 -6.23 -8.77
N LEU C 62 -5.71 -6.24 -9.57
CA LEU C 62 -5.66 -5.60 -10.88
C LEU C 62 -5.60 -4.10 -10.70
N LEU C 63 -6.35 -3.58 -9.71
CA LEU C 63 -6.27 -2.14 -9.45
C LEU C 63 -4.82 -1.81 -9.10
N ASP C 64 -4.24 -2.59 -8.19
CA ASP C 64 -2.90 -2.27 -7.72
C ASP C 64 -1.96 -2.35 -8.92
N GLN C 65 -2.13 -3.37 -9.77
CA GLN C 65 -1.15 -3.58 -10.84
C GLN C 65 -1.30 -2.49 -11.87
N ALA C 66 -2.54 -2.06 -12.12
CA ALA C 66 -2.75 -0.99 -13.10
C ALA C 66 -2.05 0.24 -12.60
N ARG C 67 -2.20 0.51 -11.29
CA ARG C 67 -1.56 1.69 -10.71
C ARG C 67 -0.05 1.59 -10.91
N TYR C 68 0.50 0.41 -10.65
CA TYR C 68 1.95 0.26 -10.74
C TYR C 68 2.37 0.58 -12.18
N PHE C 69 1.72 -0.08 -13.14
CA PHE C 69 2.15 0.06 -14.53
C PHE C 69 1.84 1.48 -15.01
N TYR C 70 0.83 2.09 -14.42
CA TYR C 70 0.47 3.44 -14.84
C TYR C 70 1.58 4.38 -14.37
N SER C 71 2.10 4.10 -13.18
CA SER C 71 3.10 4.99 -12.60
C SER C 71 4.44 4.90 -13.35
N THR C 72 4.81 3.72 -13.82
CA THR C 72 6.11 3.60 -14.52
C THR C 72 6.00 3.96 -15.99
N GLY C 73 4.81 3.77 -16.57
CA GLY C 73 4.61 4.01 -17.99
C GLY C 73 5.29 2.98 -18.86
N GLN C 74 5.66 1.84 -18.28
CA GLN C 74 6.37 0.83 -19.06
C GLN C 74 5.44 0.17 -20.05
N SER C 75 6.02 -0.53 -21.00
CA SER C 75 5.29 -1.24 -22.03
C SER C 75 4.61 -2.47 -21.42
N VAL C 76 3.34 -2.68 -21.75
CA VAL C 76 2.59 -3.80 -21.17
C VAL C 76 1.70 -4.47 -22.19
N ARG C 77 1.26 -5.67 -21.86
CA ARG C 77 0.18 -6.34 -22.56
C ARG C 77 -1.06 -6.31 -21.68
N ILE C 78 -2.15 -5.81 -22.26
CA ILE C 78 -3.41 -5.72 -21.55
C ILE C 78 -4.34 -6.86 -22.00
N HIS C 79 -4.92 -7.58 -21.05
CA HIS C 79 -5.83 -8.68 -21.34
C HIS C 79 -7.25 -8.31 -20.92
N VAL C 80 -8.20 -8.44 -21.85
CA VAL C 80 -9.60 -8.13 -21.63
C VAL C 80 -10.56 -9.26 -22.00
N GLN C 81 -11.74 -9.23 -21.40
CA GLN C 81 -12.88 -9.96 -21.95
C GLN C 81 -13.89 -8.94 -22.45
N LYS C 82 -14.29 -9.10 -23.71
CA LYS C 82 -15.19 -8.14 -24.34
C LYS C 82 -16.63 -8.30 -23.86
N ASN C 83 -17.40 -7.22 -23.98
CA ASN C 83 -18.86 -7.28 -23.80
C ASN C 83 -19.32 -7.74 -22.43
N ILE C 84 -18.64 -7.27 -21.39
CA ILE C 84 -19.00 -7.63 -20.01
C ILE C 84 -19.79 -6.54 -19.29
N TRP C 85 -19.39 -5.28 -19.40
CA TRP C 85 -20.16 -4.20 -18.77
C TRP C 85 -21.30 -3.82 -19.70
N THR C 86 -22.50 -3.68 -19.14
CA THR C 86 -23.65 -3.42 -19.99
C THR C 86 -24.26 -2.04 -19.74
N TYR C 87 -23.95 -1.40 -18.61
CA TYR C 87 -24.59 -0.12 -18.33
C TYR C 87 -24.23 0.86 -19.45
N PRO C 88 -25.24 1.34 -20.19
CA PRO C 88 -24.95 2.00 -21.49
C PRO C 88 -24.15 3.31 -21.40
N LEU C 89 -24.41 4.18 -20.43
CA LEU C 89 -23.67 5.43 -20.35
C LEU C 89 -22.22 5.14 -19.95
N PHE C 90 -22.07 4.13 -19.11
CA PHE C 90 -20.77 3.68 -18.62
C PHE C 90 -19.96 3.16 -19.82
N VAL C 91 -20.61 2.33 -20.63
CA VAL C 91 -19.96 1.76 -21.81
C VAL C 91 -19.60 2.85 -22.83
N ASN C 92 -20.50 3.81 -23.03
CA ASN C 92 -20.20 4.91 -23.94
C ASN C 92 -19.04 5.77 -23.48
N THR C 93 -18.91 5.94 -22.17
CA THR C 93 -17.81 6.72 -21.60
C THR C 93 -16.49 5.94 -21.64
N PHE C 94 -16.57 4.67 -21.30
CA PHE C 94 -15.38 3.83 -21.21
C PHE C 94 -15.46 2.73 -22.26
N SER C 95 -15.80 1.53 -21.84
CA SER C 95 -16.09 0.44 -22.79
C SER C 95 -16.77 -0.71 -22.05
N ALA C 96 -17.14 -1.75 -22.80
CA ALA C 96 -17.72 -2.96 -22.21
C ALA C 96 -16.64 -3.97 -21.78
N ASN C 97 -15.37 -3.67 -22.08
CA ASN C 97 -14.25 -4.58 -21.79
C ASN C 97 -14.00 -4.76 -20.31
N ALA C 98 -14.04 -6.00 -19.84
CA ALA C 98 -13.55 -6.31 -18.50
C ALA C 98 -12.04 -6.45 -18.55
N LEU C 99 -11.34 -5.78 -17.64
CA LEU C 99 -9.90 -5.97 -17.52
C LEU C 99 -9.62 -7.31 -16.81
N VAL C 100 -8.92 -8.22 -17.46
CA VAL C 100 -8.71 -9.54 -16.83
C VAL C 100 -7.23 -9.88 -16.63
N GLY C 101 -6.34 -9.06 -17.15
CA GLY C 101 -4.92 -9.31 -16.87
C GLY C 101 -4.02 -8.20 -17.32
N LEU C 102 -2.83 -8.13 -16.70
CA LEU C 102 -1.78 -7.20 -17.06
C LEU C 102 -0.44 -7.91 -17.03
N SER C 103 0.31 -7.80 -18.12
CA SER C 103 1.64 -8.41 -18.25
C SER C 103 2.68 -7.35 -18.60
N SER C 104 3.90 -7.46 -18.06
CA SER C 104 4.99 -6.60 -18.53
C SER C 104 5.47 -7.06 -19.93
N CYS C 105 5.96 -6.12 -20.73
CA CYS C 105 6.52 -6.38 -22.07
C CYS C 105 7.93 -5.83 -22.20
N SER C 106 8.86 -6.32 -21.40
CA SER C 106 10.14 -5.66 -21.26
C SER C 106 11.20 -6.07 -22.28
N ALA C 107 11.67 -7.31 -22.16
CA ALA C 107 12.90 -7.69 -22.81
C ALA C 107 12.67 -8.56 -24.02
N THR C 108 12.21 -9.78 -23.78
CA THR C 108 12.10 -10.77 -24.83
C THR C 108 10.80 -10.60 -25.59
N GLN C 109 9.74 -10.33 -24.84
CA GLN C 109 8.39 -10.27 -25.36
C GLN C 109 7.49 -9.87 -24.22
N CYS C 110 6.20 -10.13 -24.37
CA CYS C 110 5.28 -9.94 -23.26
C CYS C 110 5.18 -11.22 -22.43
N PHE C 111 5.25 -11.04 -21.11
CA PHE C 111 5.24 -12.14 -20.16
C PHE C 111 3.83 -12.44 -19.70
N GLY C 112 3.13 -13.23 -20.48
CA GLY C 112 1.74 -13.55 -20.18
C GLY C 112 1.19 -14.41 -21.30
N PRO C 113 -0.06 -14.87 -21.14
CA PRO C 113 -0.65 -15.75 -22.15
C PRO C 113 -0.73 -15.06 -23.50
N LYS C 114 -0.43 -15.82 -24.54
CA LYS C 114 -0.43 -15.32 -25.89
C LYS C 114 -1.05 -16.34 -26.85
N GLU D 1 5.06 -27.27 6.79
CA GLU D 1 5.79 -26.87 5.59
C GLU D 1 6.60 -25.61 5.85
N TRP D 2 7.61 -25.39 5.03
CA TRP D 2 8.47 -24.22 5.16
C TRP D 2 9.15 -23.87 3.85
N THR D 3 9.20 -22.57 3.58
CA THR D 3 9.99 -21.99 2.49
C THR D 3 11.35 -22.66 2.32
N GLY D 4 11.98 -22.97 3.45
CA GLY D 4 13.33 -23.51 3.49
C GLY D 4 13.49 -25.02 3.55
N ASP D 5 12.39 -25.75 3.39
CA ASP D 5 12.45 -27.21 3.29
C ASP D 5 13.39 -27.61 2.15
N ASN D 6 14.17 -28.68 2.37
CA ASN D 6 15.15 -29.10 1.36
C ASN D 6 14.49 -29.69 0.11
N THR D 7 13.17 -29.89 0.17
CA THR D 7 12.41 -30.38 -0.98
C THR D 7 11.92 -29.20 -1.85
N ASN D 8 12.32 -27.99 -1.46
CA ASN D 8 12.11 -26.82 -2.29
C ASN D 8 13.40 -26.45 -3.01
N ALA D 9 13.27 -25.77 -4.15
CA ALA D 9 14.45 -25.33 -4.89
C ALA D 9 14.60 -23.84 -4.74
N TYR D 10 15.82 -23.35 -4.90
CA TYR D 10 16.02 -21.89 -4.87
C TYR D 10 17.12 -21.45 -5.83
N TYR D 11 17.02 -20.19 -6.27
CA TYR D 11 17.96 -19.62 -7.23
C TYR D 11 18.43 -18.26 -6.75
N SER D 12 19.75 -18.13 -6.56
CA SER D 12 20.34 -16.93 -5.99
C SER D 12 20.72 -15.91 -7.05
N ASP D 13 20.91 -14.67 -6.59
CA ASP D 13 21.42 -13.59 -7.43
C ASP D 13 20.61 -13.46 -8.71
N GLU D 14 19.29 -13.50 -8.54
CA GLU D 14 18.34 -13.38 -9.63
C GLU D 14 17.72 -11.99 -9.62
N VAL D 15 17.44 -11.46 -10.81
CA VAL D 15 16.74 -10.19 -10.92
C VAL D 15 15.35 -10.41 -11.52
N ILE D 16 14.33 -9.87 -10.88
CA ILE D 16 12.97 -10.04 -11.38
C ILE D 16 12.78 -9.18 -12.62
N SER D 17 12.59 -9.84 -13.75
CA SER D 17 12.58 -9.15 -15.02
C SER D 17 11.19 -9.02 -15.63
N GLU D 18 10.25 -9.84 -15.17
CA GLU D 18 8.88 -9.74 -15.71
C GLU D 18 7.87 -10.02 -14.61
N LEU D 19 6.69 -9.41 -14.74
CA LEU D 19 5.61 -9.59 -13.75
C LEU D 19 4.25 -9.66 -14.46
N HIS D 20 3.44 -10.63 -14.08
CA HIS D 20 2.11 -10.80 -14.67
C HIS D 20 1.11 -10.99 -13.56
N VAL D 21 -0.07 -10.37 -13.69
CA VAL D 21 -1.15 -10.53 -12.73
C VAL D 21 -2.41 -10.91 -13.49
N GLY D 22 -3.13 -11.92 -13.02
CA GLY D 22 -4.38 -12.28 -13.66
C GLY D 22 -5.27 -13.07 -12.73
N GLN D 23 -6.17 -13.85 -13.31
CA GLN D 23 -7.09 -14.68 -12.53
C GLN D 23 -7.24 -16.06 -13.17
N ILE D 24 -7.36 -17.09 -12.34
CA ILE D 24 -7.69 -18.42 -12.82
C ILE D 24 -8.61 -19.12 -11.81
N ASP D 25 -9.72 -19.65 -12.31
CA ASP D 25 -10.66 -20.40 -11.47
C ASP D 25 -11.04 -19.62 -10.22
N THR D 26 -11.53 -18.40 -10.42
CA THR D 26 -11.99 -17.49 -9.35
C THR D 26 -10.89 -17.04 -8.41
N SER D 27 -9.64 -17.22 -8.81
CA SER D 27 -8.53 -16.86 -7.95
C SER D 27 -7.54 -15.88 -8.59
N PRO D 28 -7.31 -14.71 -7.97
CA PRO D 28 -6.18 -13.93 -8.48
C PRO D 28 -4.87 -14.72 -8.40
N TYR D 29 -3.95 -14.48 -9.32
CA TYR D 29 -2.63 -15.06 -9.26
C TYR D 29 -1.64 -14.07 -9.82
N PHE D 30 -0.36 -14.23 -9.47
CA PHE D 30 0.67 -13.53 -10.23
C PHE D 30 1.82 -14.47 -10.58
N CYS D 31 2.59 -14.09 -11.58
CA CYS D 31 3.77 -14.86 -11.96
C CYS D 31 4.90 -13.90 -12.16
N ILE D 32 6.11 -14.36 -11.91
CA ILE D 32 7.29 -13.56 -12.18
C ILE D 32 8.29 -14.37 -13.00
N LYS D 33 9.07 -13.65 -13.79
CA LYS D 33 10.23 -14.21 -14.47
C LYS D 33 11.46 -13.51 -13.93
N THR D 34 12.46 -14.33 -13.58
CA THR D 34 13.73 -13.82 -13.08
C THR D 34 14.87 -14.37 -13.93
N VAL D 35 15.96 -13.63 -13.97
CA VAL D 35 17.15 -14.04 -14.69
C VAL D 35 18.36 -13.78 -13.79
N LYS D 36 19.44 -14.54 -13.99
CA LYS D 36 20.69 -14.31 -13.24
C LYS D 36 21.14 -12.88 -13.48
N ALA D 37 21.62 -12.23 -12.43
CA ALA D 37 22.13 -10.87 -12.53
C ALA D 37 23.26 -10.73 -13.57
N ASN D 38 24.00 -11.81 -13.82
CA ASN D 38 25.03 -11.77 -14.86
C ASN D 38 24.51 -12.24 -16.23
N GLY D 39 23.22 -12.57 -16.31
CA GLY D 39 22.62 -12.95 -17.57
C GLY D 39 22.95 -14.35 -18.08
N SER D 40 23.65 -15.14 -17.26
CA SER D 40 23.93 -16.53 -17.62
C SER D 40 22.72 -17.42 -17.30
N GLY D 41 22.81 -18.67 -17.70
CA GLY D 41 21.80 -19.66 -17.36
C GLY D 41 20.44 -19.43 -17.98
N THR D 42 19.44 -20.09 -17.41
CA THR D 42 18.07 -20.09 -17.91
C THR D 42 17.16 -19.32 -16.95
N PRO D 43 16.23 -18.49 -17.49
CA PRO D 43 15.26 -17.80 -16.65
C PRO D 43 14.50 -18.73 -15.72
N VAL D 44 14.06 -18.21 -14.58
CA VAL D 44 13.20 -18.93 -13.66
C VAL D 44 11.80 -18.31 -13.67
N VAL D 45 10.77 -19.13 -13.80
CA VAL D 45 9.40 -18.61 -13.78
C VAL D 45 8.65 -19.23 -12.62
N ALA D 46 7.96 -18.40 -11.85
CA ALA D 46 7.24 -18.93 -10.70
C ALA D 46 5.97 -18.15 -10.48
N CYS D 47 4.94 -18.84 -10.01
CA CYS D 47 3.64 -18.23 -9.82
C CYS D 47 3.11 -18.47 -8.42
N ALA D 48 2.30 -17.55 -7.95
CA ALA D 48 1.55 -17.74 -6.72
C ALA D 48 0.07 -17.58 -7.02
N VAL D 49 -0.74 -18.47 -6.47
CA VAL D 49 -2.18 -18.44 -6.71
C VAL D 49 -2.92 -18.30 -5.39
N SER D 50 -3.64 -17.19 -5.23
CA SER D 50 -4.48 -17.02 -4.06
C SER D 50 -5.46 -18.17 -4.06
N LYS D 51 -5.86 -18.67 -2.90
CA LYS D 51 -6.81 -19.80 -2.80
C LYS D 51 -6.31 -21.16 -3.31
N GLN D 52 -5.10 -21.23 -3.88
CA GLN D 52 -4.59 -22.53 -4.32
C GLN D 52 -3.23 -22.87 -3.74
N SER D 53 -3.01 -24.17 -3.55
CA SER D 53 -1.80 -24.74 -2.95
C SER D 53 -1.69 -24.44 -1.46
N ILE D 54 -0.76 -25.13 -0.81
CA ILE D 54 -0.50 -24.92 0.60
C ILE D 54 0.09 -23.53 0.84
N TRP D 55 0.67 -22.94 -0.19
CA TRP D 55 1.30 -21.63 -0.04
C TRP D 55 0.30 -20.47 -0.18
N ALA D 56 -0.98 -20.78 -0.36
CA ALA D 56 -2.00 -19.74 -0.52
C ALA D 56 -1.99 -18.63 0.56
N PRO D 57 -1.74 -18.96 1.85
CA PRO D 57 -1.85 -17.88 2.84
C PRO D 57 -0.85 -16.73 2.68
N SER D 58 0.26 -16.95 1.98
CA SER D 58 1.30 -15.93 1.85
C SER D 58 1.21 -15.11 0.55
N PHE D 59 0.13 -15.36 -0.20
CA PHE D 59 -0.07 -14.72 -1.51
C PHE D 59 0.17 -13.21 -1.50
N LYS D 60 -0.59 -12.49 -0.67
CA LYS D 60 -0.43 -11.04 -0.66
C LYS D 60 0.99 -10.64 -0.26
N GLU D 61 1.55 -11.29 0.77
CA GLU D 61 2.90 -10.89 1.20
C GLU D 61 3.89 -11.15 0.06
N LEU D 62 3.68 -12.24 -0.68
CA LEU D 62 4.63 -12.53 -1.75
C LEU D 62 4.44 -11.55 -2.89
N LEU D 63 3.18 -11.21 -3.18
CA LEU D 63 2.93 -10.31 -4.31
C LEU D 63 3.56 -8.97 -4.04
N ASP D 64 3.27 -8.45 -2.85
CA ASP D 64 3.89 -7.22 -2.39
C ASP D 64 5.42 -7.30 -2.49
N GLN D 65 6.01 -8.39 -2.02
CA GLN D 65 7.46 -8.40 -1.97
C GLN D 65 8.01 -8.48 -3.40
N ALA D 66 7.30 -9.23 -4.26
CA ALA D 66 7.77 -9.38 -5.64
C ALA D 66 7.77 -7.99 -6.26
N ARG D 67 6.70 -7.24 -5.99
CA ARG D 67 6.57 -5.94 -6.62
C ARG D 67 7.75 -5.11 -6.22
N TYR D 68 8.10 -5.21 -4.93
CA TYR D 68 9.11 -4.32 -4.41
C TYR D 68 10.41 -4.65 -5.11
N PHE D 69 10.74 -5.94 -5.16
CA PHE D 69 12.05 -6.33 -5.67
C PHE D 69 12.05 -6.00 -7.15
N TYR D 70 10.88 -6.14 -7.78
CA TYR D 70 10.75 -5.94 -9.20
C TYR D 70 11.03 -4.46 -9.49
N SER D 71 10.56 -3.59 -8.61
CA SER D 71 10.77 -2.17 -8.84
C SER D 71 12.24 -1.78 -8.58
N THR D 72 12.91 -2.43 -7.63
CA THR D 72 14.27 -1.96 -7.34
C THR D 72 15.25 -2.53 -8.35
N GLY D 73 14.94 -3.71 -8.86
CA GLY D 73 15.87 -4.42 -9.73
C GLY D 73 17.01 -5.07 -8.97
N GLN D 74 16.91 -5.15 -7.65
CA GLN D 74 17.98 -5.76 -6.85
C GLN D 74 18.04 -7.27 -7.05
N SER D 75 19.18 -7.86 -6.71
CA SER D 75 19.40 -9.30 -6.84
C SER D 75 18.86 -10.02 -5.62
N VAL D 76 18.10 -11.09 -5.88
CA VAL D 76 17.36 -11.76 -4.83
C VAL D 76 17.49 -13.26 -5.00
N ARG D 77 17.18 -14.00 -3.95
CA ARG D 77 17.01 -15.44 -4.06
C ARG D 77 15.54 -15.79 -4.14
N ILE D 78 15.18 -16.55 -5.18
CA ILE D 78 13.82 -17.03 -5.41
C ILE D 78 13.67 -18.43 -4.85
N HIS D 79 12.69 -18.62 -3.98
CA HIS D 79 12.36 -19.94 -3.47
C HIS D 79 11.07 -20.48 -4.10
N VAL D 80 11.17 -21.68 -4.68
CA VAL D 80 10.02 -22.31 -5.32
C VAL D 80 9.82 -23.75 -4.88
N GLN D 81 8.59 -24.23 -5.01
CA GLN D 81 8.30 -25.65 -4.89
C GLN D 81 7.83 -26.14 -6.27
N LYS D 82 8.51 -27.12 -6.83
CA LYS D 82 8.27 -27.53 -8.20
C LYS D 82 7.04 -28.41 -8.34
N ASN D 83 6.54 -28.50 -9.58
CA ASN D 83 5.44 -29.40 -9.94
C ASN D 83 4.16 -29.19 -9.15
N ILE D 84 3.76 -27.94 -8.93
CA ILE D 84 2.58 -27.64 -8.14
C ILE D 84 1.34 -27.34 -8.98
N TRP D 85 1.46 -26.38 -9.90
CA TRP D 85 0.35 -26.02 -10.79
C TRP D 85 0.11 -27.09 -11.84
N THR D 86 -1.16 -27.34 -12.15
CA THR D 86 -1.53 -28.52 -12.93
C THR D 86 -2.22 -28.22 -14.26
N TYR D 87 -2.82 -27.04 -14.40
CA TYR D 87 -3.55 -26.71 -15.63
C TYR D 87 -2.58 -26.49 -16.80
N PRO D 88 -2.57 -27.41 -17.79
CA PRO D 88 -1.54 -27.46 -18.82
C PRO D 88 -1.28 -26.17 -19.58
N LEU D 89 -2.31 -25.44 -20.00
CA LEU D 89 -2.10 -24.17 -20.68
C LEU D 89 -1.39 -23.16 -19.76
N PHE D 90 -1.75 -23.19 -18.49
CA PHE D 90 -1.11 -22.31 -17.50
C PHE D 90 0.35 -22.67 -17.34
N VAL D 91 0.64 -23.95 -17.14
CA VAL D 91 2.01 -24.40 -16.92
C VAL D 91 2.88 -24.10 -18.14
N ASN D 92 2.31 -24.34 -19.31
CA ASN D 92 2.97 -24.09 -20.58
C ASN D 92 3.28 -22.61 -20.79
N THR D 93 2.32 -21.74 -20.45
CA THR D 93 2.56 -20.30 -20.55
C THR D 93 3.60 -19.85 -19.51
N PHE D 94 3.43 -20.36 -18.29
CA PHE D 94 4.25 -19.94 -17.17
C PHE D 94 5.14 -21.09 -16.71
N SER D 95 4.89 -21.64 -15.53
CA SER D 95 5.48 -22.91 -15.17
C SER D 95 4.64 -23.60 -14.12
N ALA D 96 5.08 -24.77 -13.67
CA ALA D 96 4.42 -25.47 -12.57
C ALA D 96 5.02 -25.08 -11.22
N ASN D 97 6.00 -24.17 -11.25
CA ASN D 97 6.66 -23.67 -10.03
C ASN D 97 5.78 -22.78 -9.17
N ALA D 98 5.53 -23.19 -7.94
CA ALA D 98 4.88 -22.33 -6.95
C ALA D 98 5.90 -21.44 -6.26
N LEU D 99 5.68 -20.13 -6.29
CA LEU D 99 6.55 -19.21 -5.56
C LEU D 99 6.35 -19.38 -4.06
N VAL D 100 7.41 -19.69 -3.33
CA VAL D 100 7.25 -19.93 -1.90
C VAL D 100 8.09 -18.98 -1.04
N GLY D 101 8.97 -18.20 -1.68
CA GLY D 101 9.76 -17.27 -0.88
C GLY D 101 10.64 -16.32 -1.68
N LEU D 102 11.00 -15.19 -1.08
CA LEU D 102 11.87 -14.19 -1.72
C LEU D 102 12.84 -13.61 -0.70
N SER D 103 14.14 -13.65 -0.99
CA SER D 103 15.15 -13.13 -0.06
C SER D 103 16.03 -12.07 -0.71
N SER D 104 16.34 -11.00 0.01
CA SER D 104 17.35 -10.06 -0.47
C SER D 104 18.72 -10.75 -0.45
N CYS D 105 19.62 -10.30 -1.31
CA CYS D 105 20.98 -10.85 -1.35
C CYS D 105 22.01 -9.76 -1.21
N SER D 106 22.99 -9.96 -0.32
CA SER D 106 24.16 -9.12 -0.30
C SER D 106 25.08 -9.54 -1.44
N ALA D 107 26.26 -8.94 -1.51
CA ALA D 107 27.21 -9.25 -2.58
C ALA D 107 27.77 -10.67 -2.46
N THR D 108 27.73 -11.22 -1.24
CA THR D 108 28.36 -12.51 -0.97
C THR D 108 27.39 -13.62 -0.55
N GLN D 109 26.28 -13.26 0.09
CA GLN D 109 25.31 -14.26 0.54
C GLN D 109 23.89 -13.71 0.52
N CYS D 110 22.93 -14.60 0.30
CA CYS D 110 21.53 -14.17 0.38
C CYS D 110 20.98 -14.40 1.78
N PHE D 111 19.98 -13.61 2.14
CA PHE D 111 19.38 -13.64 3.47
C PHE D 111 18.18 -14.58 3.48
N GLY D 112 18.46 -15.87 3.38
CA GLY D 112 17.39 -16.85 3.28
C GLY D 112 17.96 -18.25 3.39
N PRO D 113 17.07 -19.25 3.52
CA PRO D 113 17.50 -20.65 3.63
C PRO D 113 18.27 -21.11 2.39
N LYS D 114 19.22 -22.01 2.59
CA LYS D 114 20.04 -22.52 1.50
C LYS D 114 20.22 -24.03 1.62
N GLU E 1 1.63 -7.04 27.65
CA GLU E 1 2.88 -7.03 26.91
C GLU E 1 3.06 -5.69 26.19
N TRP E 2 4.30 -5.25 26.04
CA TRP E 2 4.60 -4.00 25.37
C TRP E 2 5.97 -4.07 24.76
N THR E 3 6.13 -3.47 23.58
CA THR E 3 7.41 -3.31 22.90
C THR E 3 8.48 -2.83 23.87
N GLY E 4 8.09 -1.92 24.77
CA GLY E 4 9.05 -1.29 25.66
C GLY E 4 9.31 -1.99 26.97
N ASP E 5 8.74 -3.18 27.16
CA ASP E 5 9.01 -3.99 28.35
C ASP E 5 10.52 -4.22 28.51
N ASN E 6 11.05 -4.14 29.73
CA ASN E 6 12.50 -4.25 29.86
C ASN E 6 12.99 -5.69 29.66
N THR E 7 12.04 -6.62 29.56
CA THR E 7 12.38 -8.01 29.24
C THR E 7 12.56 -8.18 27.73
N ASN E 8 12.34 -7.12 26.98
CA ASN E 8 12.70 -7.10 25.57
C ASN E 8 14.08 -6.47 25.43
N ALA E 9 14.69 -6.62 24.26
CA ALA E 9 16.03 -6.12 24.00
C ALA E 9 15.99 -5.19 22.81
N TYR E 10 16.78 -4.12 22.84
CA TYR E 10 16.79 -3.24 21.68
C TYR E 10 18.19 -2.85 21.29
N TYR E 11 18.33 -2.41 20.05
CA TYR E 11 19.62 -2.07 19.48
C TYR E 11 19.45 -0.79 18.65
N SER E 12 20.24 0.23 18.96
CA SER E 12 20.06 1.53 18.34
C SER E 12 21.05 1.78 17.21
N ASP E 13 20.80 2.83 16.44
CA ASP E 13 21.74 3.28 15.41
C ASP E 13 21.97 2.16 14.37
N GLU E 14 20.91 1.42 14.06
CA GLU E 14 20.98 0.35 13.07
C GLU E 14 20.34 0.73 11.74
N VAL E 15 20.68 -0.02 10.70
CA VAL E 15 20.04 0.11 9.39
C VAL E 15 19.50 -1.25 8.97
N ILE E 16 18.26 -1.30 8.50
CA ILE E 16 17.75 -2.58 8.01
C ILE E 16 18.45 -2.87 6.68
N SER E 17 19.20 -3.96 6.65
CA SER E 17 20.06 -4.25 5.51
C SER E 17 19.57 -5.43 4.70
N GLU E 18 18.78 -6.31 5.31
CA GLU E 18 18.26 -7.46 4.55
C GLU E 18 16.82 -7.73 4.91
N LEU E 19 16.10 -8.34 3.98
CA LEU E 19 14.68 -8.62 4.13
C LEU E 19 14.29 -9.90 3.43
N HIS E 20 13.57 -10.77 4.15
CA HIS E 20 13.14 -12.06 3.61
C HIS E 20 11.67 -12.27 3.88
N VAL E 21 10.94 -12.80 2.91
CA VAL E 21 9.54 -13.15 3.10
C VAL E 21 9.30 -14.61 2.73
N GLY E 22 8.56 -15.32 3.57
CA GLY E 22 8.26 -16.71 3.28
C GLY E 22 7.02 -17.20 4.03
N GLN E 23 6.88 -18.51 4.14
CA GLN E 23 5.78 -19.13 4.87
C GLN E 23 6.28 -20.30 5.70
N ILE E 24 5.74 -20.45 6.90
CA ILE E 24 5.98 -21.63 7.73
C ILE E 24 4.70 -22.01 8.48
N ASP E 25 4.36 -23.30 8.44
CA ASP E 25 3.17 -23.84 9.10
C ASP E 25 1.90 -23.01 8.84
N THR E 26 1.57 -22.88 7.55
CA THR E 26 0.40 -22.14 7.04
C THR E 26 0.44 -20.63 7.36
N SER E 27 1.54 -20.15 7.93
CA SER E 27 1.64 -18.75 8.29
C SER E 27 2.71 -18.00 7.48
N PRO E 28 2.33 -16.92 6.78
CA PRO E 28 3.39 -16.09 6.21
C PRO E 28 4.26 -15.49 7.31
N TYR E 29 5.51 -15.18 6.98
CA TYR E 29 6.40 -14.59 7.95
C TYR E 29 7.39 -13.73 7.19
N PHE E 30 8.04 -12.83 7.91
CA PHE E 30 9.20 -12.15 7.33
C PHE E 30 10.33 -12.07 8.35
N CYS E 31 11.53 -11.86 7.86
CA CYS E 31 12.69 -11.63 8.69
C CYS E 31 13.46 -10.44 8.17
N ILE E 32 14.19 -9.79 9.06
CA ILE E 32 15.09 -8.71 8.68
C ILE E 32 16.41 -8.88 9.38
N LYS E 33 17.43 -8.36 8.70
CA LYS E 33 18.76 -8.23 9.28
C LYS E 33 19.11 -6.75 9.32
N THR E 34 19.60 -6.30 10.47
CA THR E 34 20.09 -4.93 10.67
C THR E 34 21.56 -4.95 11.05
N VAL E 35 22.26 -3.89 10.65
CA VAL E 35 23.67 -3.67 11.00
C VAL E 35 23.80 -2.23 11.48
N LYS E 36 24.82 -1.95 12.29
CA LYS E 36 25.08 -0.60 12.75
C LYS E 36 25.32 0.32 11.57
N ALA E 37 24.70 1.50 11.59
CA ALA E 37 24.96 2.52 10.58
C ALA E 37 26.45 2.85 10.43
N ASN E 38 27.21 2.78 11.52
CA ASN E 38 28.64 3.12 11.46
C ASN E 38 29.57 1.94 11.16
N GLY E 39 28.99 0.78 10.88
CA GLY E 39 29.76 -0.39 10.50
C GLY E 39 30.33 -1.22 11.63
N SER E 40 30.15 -0.76 12.86
CA SER E 40 30.67 -1.52 14.01
C SER E 40 29.75 -2.67 14.40
N GLY E 41 30.16 -3.43 15.41
CA GLY E 41 29.28 -4.41 16.01
C GLY E 41 28.84 -5.60 15.19
N THR E 42 27.78 -6.24 15.66
CA THR E 42 27.31 -7.51 15.14
C THR E 42 25.88 -7.34 14.66
N PRO E 43 25.55 -7.95 13.51
CA PRO E 43 24.19 -7.81 12.98
C PRO E 43 23.11 -8.35 13.91
N VAL E 44 21.94 -7.71 13.89
CA VAL E 44 20.75 -8.23 14.56
C VAL E 44 19.83 -8.88 13.54
N VAL E 45 19.32 -10.06 13.86
CA VAL E 45 18.33 -10.72 13.02
C VAL E 45 17.03 -10.90 13.80
N ALA E 46 15.89 -10.57 13.19
CA ALA E 46 14.63 -10.85 13.86
C ALA E 46 13.56 -11.19 12.85
N CYS E 47 12.57 -11.97 13.28
CA CYS E 47 11.48 -12.40 12.43
C CYS E 47 10.13 -12.13 13.08
N ALA E 48 9.11 -12.07 12.25
CA ALA E 48 7.74 -12.01 12.73
C ALA E 48 6.93 -13.00 11.92
N VAL E 49 6.01 -13.68 12.60
CA VAL E 49 5.27 -14.80 12.04
C VAL E 49 3.77 -14.54 12.24
N SER E 50 3.00 -14.58 11.14
CA SER E 50 1.64 -14.07 11.08
C SER E 50 0.67 -14.58 12.16
N LYS E 51 0.77 -15.85 12.52
CA LYS E 51 -0.20 -16.40 13.47
C LYS E 51 0.48 -17.01 14.69
N GLN E 52 1.70 -16.57 14.98
CA GLN E 52 2.46 -17.12 16.09
C GLN E 52 3.01 -16.04 17.01
N SER E 53 3.11 -16.38 18.29
CA SER E 53 3.64 -15.54 19.39
C SER E 53 2.62 -14.50 19.80
N ILE E 54 2.86 -13.88 20.96
CA ILE E 54 1.98 -12.83 21.45
C ILE E 54 2.01 -11.64 20.52
N TRP E 55 3.04 -11.55 19.67
CA TRP E 55 3.24 -10.41 18.77
C TRP E 55 2.55 -10.54 17.41
N ALA E 56 1.83 -11.65 17.21
CA ALA E 56 1.09 -11.88 15.96
C ALA E 56 0.18 -10.72 15.52
N PRO E 57 -0.53 -10.07 16.47
CA PRO E 57 -1.40 -8.98 16.01
C PRO E 57 -0.69 -7.86 15.25
N SER E 58 0.60 -7.66 15.46
CA SER E 58 1.29 -6.52 14.84
C SER E 58 2.01 -6.86 13.54
N PHE E 59 1.84 -8.10 13.08
CA PHE E 59 2.56 -8.62 11.91
C PHE E 59 2.53 -7.65 10.72
N LYS E 60 1.32 -7.33 10.25
CA LYS E 60 1.21 -6.47 9.07
C LYS E 60 1.89 -5.14 9.31
N GLU E 61 1.61 -4.52 10.45
CA GLU E 61 2.16 -3.20 10.70
C GLU E 61 3.68 -3.27 10.82
N LEU E 62 4.20 -4.36 11.39
CA LEU E 62 5.63 -4.46 11.52
C LEU E 62 6.23 -4.69 10.13
N LEU E 63 5.55 -5.50 9.33
CA LEU E 63 6.06 -5.79 7.99
C LEU E 63 6.15 -4.49 7.16
N ASP E 64 5.03 -3.75 7.12
CA ASP E 64 4.99 -2.48 6.44
C ASP E 64 6.08 -1.56 6.96
N GLN E 65 6.27 -1.53 8.28
CA GLN E 65 7.23 -0.56 8.81
C GLN E 65 8.64 -1.04 8.52
N ALA E 66 8.85 -2.36 8.54
CA ALA E 66 10.15 -2.88 8.20
C ALA E 66 10.42 -2.50 6.76
N ARG E 67 9.39 -2.54 5.93
CA ARG E 67 9.63 -2.29 4.51
C ARG E 67 9.98 -0.83 4.39
N TYR E 68 9.30 -0.01 5.17
CA TYR E 68 9.47 1.44 5.00
C TYR E 68 10.92 1.83 5.33
N PHE E 69 11.34 1.49 6.54
CA PHE E 69 12.69 1.80 6.98
C PHE E 69 13.73 1.12 6.08
N TYR E 70 13.38 -0.07 5.55
CA TYR E 70 14.32 -0.79 4.71
C TYR E 70 14.50 0.03 3.44
N SER E 71 13.41 0.62 2.97
CA SER E 71 13.49 1.39 1.74
C SER E 71 14.19 2.72 1.97
N THR E 72 14.10 3.29 3.18
CA THR E 72 14.71 4.62 3.32
C THR E 72 16.17 4.48 3.69
N GLY E 73 16.50 3.36 4.32
CA GLY E 73 17.85 3.13 4.80
C GLY E 73 18.23 4.03 5.96
N GLN E 74 17.25 4.62 6.64
CA GLN E 74 17.57 5.49 7.77
C GLN E 74 17.97 4.70 9.03
N SER E 75 18.59 5.39 9.97
CA SER E 75 18.98 4.81 11.26
C SER E 75 17.75 4.54 12.10
N VAL E 76 17.71 3.33 12.65
CA VAL E 76 16.58 2.90 13.46
C VAL E 76 17.05 2.15 14.70
N ARG E 77 16.16 2.06 15.68
CA ARG E 77 16.31 1.20 16.83
C ARG E 77 15.40 0.01 16.62
N ILE E 78 15.96 -1.19 16.67
CA ILE E 78 15.17 -2.40 16.52
C ILE E 78 14.89 -3.03 17.89
N HIS E 79 13.63 -3.37 18.13
CA HIS E 79 13.20 -3.98 19.40
C HIS E 79 12.81 -5.42 19.14
N VAL E 80 13.41 -6.34 19.92
CA VAL E 80 13.15 -7.77 19.82
C VAL E 80 12.82 -8.42 21.16
N GLN E 81 12.15 -9.57 21.09
CA GLN E 81 12.05 -10.48 22.22
C GLN E 81 12.84 -11.73 21.89
N LYS E 82 13.79 -12.09 22.74
CA LYS E 82 14.70 -13.19 22.44
C LYS E 82 14.05 -14.55 22.71
N ASN E 83 14.61 -15.58 22.07
CA ASN E 83 14.21 -16.96 22.31
C ASN E 83 12.72 -17.24 22.14
N ILE E 84 12.15 -16.76 21.05
CA ILE E 84 10.74 -17.00 20.77
C ILE E 84 10.55 -18.13 19.75
N TRP E 85 11.22 -18.03 18.59
CA TRP E 85 11.08 -19.04 17.55
C TRP E 85 11.87 -20.30 17.89
N THR E 86 11.27 -21.45 17.61
CA THR E 86 11.80 -22.72 18.13
C THR E 86 12.09 -23.78 17.06
N TYR E 87 11.52 -23.64 15.87
CA TYR E 87 11.85 -24.59 14.80
C TYR E 87 13.33 -24.44 14.45
N PRO E 88 14.13 -25.48 14.73
CA PRO E 88 15.58 -25.43 14.71
C PRO E 88 16.21 -24.95 13.39
N LEU E 89 15.75 -25.45 12.24
CA LEU E 89 16.29 -25.00 10.95
C LEU E 89 15.96 -23.53 10.67
N PHE E 90 14.75 -23.14 11.06
CA PHE E 90 14.31 -21.74 10.98
C PHE E 90 15.24 -20.85 11.80
N VAL E 91 15.48 -21.25 13.05
CA VAL E 91 16.34 -20.48 13.95
C VAL E 91 17.78 -20.43 13.44
N ASN E 92 18.28 -21.56 12.96
CA ASN E 92 19.61 -21.62 12.35
C ASN E 92 19.76 -20.64 11.21
N THR E 93 18.77 -20.62 10.32
CA THR E 93 18.79 -19.75 9.14
C THR E 93 18.68 -18.28 9.51
N PHE E 94 17.83 -17.98 10.48
CA PHE E 94 17.58 -16.60 10.88
C PHE E 94 17.97 -16.37 12.34
N SER E 95 16.99 -16.36 13.23
CA SER E 95 17.26 -16.36 14.66
C SER E 95 15.98 -16.69 15.42
N ALA E 96 16.08 -16.74 16.75
CA ALA E 96 14.90 -16.97 17.57
C ALA E 96 14.25 -15.64 17.99
N ASN E 97 14.86 -14.53 17.58
CA ASN E 97 14.33 -13.20 17.90
C ASN E 97 12.99 -12.96 17.25
N ALA E 98 12.02 -12.54 18.06
CA ALA E 98 10.78 -11.99 17.55
C ALA E 98 10.95 -10.48 17.40
N LEU E 99 10.62 -9.95 16.22
CA LEU E 99 10.61 -8.51 16.02
C LEU E 99 9.41 -7.91 16.73
N VAL E 100 9.64 -6.97 17.64
CA VAL E 100 8.52 -6.44 18.42
C VAL E 100 8.39 -4.93 18.29
N GLY E 101 9.33 -4.27 17.63
CA GLY E 101 9.14 -2.86 17.39
C GLY E 101 10.24 -2.19 16.56
N LEU E 102 9.94 -1.01 16.03
CA LEU E 102 10.91 -0.25 15.23
C LEU E 102 10.78 1.24 15.48
N SER E 103 11.88 1.90 15.82
CA SER E 103 11.87 3.35 16.11
C SER E 103 12.84 4.09 15.22
N SER E 104 12.48 5.28 14.73
CA SER E 104 13.45 6.08 13.99
C SER E 104 14.46 6.68 14.97
N CYS E 105 15.70 6.81 14.52
CA CYS E 105 16.79 7.34 15.32
C CYS E 105 17.38 8.60 14.71
N SER E 106 17.56 9.64 15.52
CA SER E 106 18.32 10.79 15.08
C SER E 106 19.79 10.47 15.38
N ALA E 107 20.66 11.46 15.28
CA ALA E 107 22.09 11.20 15.46
C ALA E 107 22.40 10.80 16.90
N THR E 108 21.63 11.29 17.86
CA THR E 108 21.95 11.10 19.27
C THR E 108 20.87 10.41 20.12
N GLN E 109 19.67 10.24 19.57
CA GLN E 109 18.60 9.57 20.30
C GLN E 109 17.64 8.84 19.38
N CYS E 110 16.86 7.92 19.94
CA CYS E 110 15.86 7.22 19.16
C CYS E 110 14.49 7.47 19.76
N PHE E 111 13.48 7.49 18.90
CA PHE E 111 12.14 7.81 19.32
C PHE E 111 11.40 6.56 19.72
N GLY E 112 11.66 6.07 20.93
CA GLY E 112 11.01 4.86 21.38
C GLY E 112 11.52 4.47 22.74
N PRO E 113 10.95 3.39 23.30
CA PRO E 113 11.31 2.98 24.67
C PRO E 113 12.79 2.65 24.76
N LYS E 114 13.38 2.90 25.93
CA LYS E 114 14.82 2.73 26.15
C LYS E 114 15.11 2.24 27.56
#